data_4MZD
#
_entry.id   4MZD
#
_cell.length_a   49.890
_cell.length_b   44.973
_cell.length_c   74.651
_cell.angle_alpha   90.00
_cell.angle_beta   106.82
_cell.angle_gamma   90.00
#
_symmetry.space_group_name_H-M   'P 1 21 1'
#
loop_
_entity.id
_entity.type
_entity.pdbx_description
1 polymer 'Nisin leader peptide-processing serine protease NisP'
2 water water
#
_entity_poly.entity_id   1
_entity_poly.type   'polypeptide(L)'
_entity_poly.pdbx_seq_one_letter_code
;GSGMKETAAAKFERQHMDSPDLGTDDDDKAMADIGSQPLKNQKVEAQPLLISNSSEKKASVYTNSHDFWDYQWDMKYVTN
NGESYALYQPSKKISVGIIDSGIMEEHPDLSNSLGNYFKNLVPKGGFDNEEPDETGNPSDIVDKMGHGTEVAGQITANGN
ILGVAPGITVNIYRVFGENLSKSEWVARAIRRAADDGNKVINISAGQYLMISGSYDDGTNDYQEYLNYKSAINYATAKGS
IVVAALGNDSLNIQDNQTMINFLKRFRSIKVPGKVVDAPSVFEDVIAVGGIDGYGNISDFSNIGADAIYAPAGTTANFKK
YGQDKFVSQGYYLKDWLFTTTNTGWYQYVYGNSFATPKVSGALALVVDKYGIKNPNQLKRFLLMNSPEVNGNRVLNIVDL
LNGKNKAFSLDTDKGQDDAINHKSMENLKESRDTMKQEQDKEIQRNTNNNFSIKNDFHNISKEVISVDYNINQKMANNRN
SRGAVSVR
;
_entity_poly.pdbx_strand_id   A
#
# COMPACT_ATOMS: atom_id res chain seq x y z
N SER A 65 4.12 24.08 -14.99
CA SER A 65 4.98 22.99 -14.52
C SER A 65 4.23 21.76 -14.01
N HIS A 66 3.31 21.96 -13.05
CA HIS A 66 2.56 20.85 -12.45
C HIS A 66 1.06 21.14 -12.58
N ASP A 67 0.54 20.90 -13.78
CA ASP A 67 -0.79 21.37 -14.14
C ASP A 67 -1.90 20.92 -13.20
N PHE A 68 -1.76 19.73 -12.62
CA PHE A 68 -2.86 19.16 -11.85
C PHE A 68 -2.60 19.14 -10.34
N TRP A 69 -1.56 19.83 -9.90
CA TRP A 69 -1.29 19.95 -8.47
C TRP A 69 -2.52 20.41 -7.69
N ASP A 70 -3.27 21.35 -8.26
CA ASP A 70 -4.44 21.88 -7.57
C ASP A 70 -5.52 20.84 -7.28
N TYR A 71 -5.50 19.74 -8.03
CA TYR A 71 -6.45 18.66 -7.81
C TYR A 71 -6.00 17.73 -6.68
N GLN A 72 -4.77 17.89 -6.21
CA GLN A 72 -4.17 16.94 -5.27
C GLN A 72 -4.33 17.37 -3.81
N TRP A 73 -5.58 17.48 -3.37
CA TRP A 73 -5.88 17.83 -1.98
C TRP A 73 -5.15 16.88 -1.02
N ASP A 74 -5.03 15.62 -1.43
CA ASP A 74 -4.47 14.57 -0.59
C ASP A 74 -2.95 14.74 -0.41
N MET A 75 -2.29 15.20 -1.47
CA MET A 75 -0.86 15.48 -1.43
C MET A 75 -0.61 16.77 -0.67
N LYS A 76 -1.45 17.78 -0.87
CA LYS A 76 -1.33 19.01 -0.11
C LYS A 76 -1.41 18.71 1.39
N TYR A 77 -2.28 17.77 1.75
CA TYR A 77 -2.50 17.45 3.15
C TYR A 77 -1.22 16.96 3.85
N VAL A 78 -0.47 16.08 3.19
CA VAL A 78 0.70 15.49 3.84
C VAL A 78 2.01 16.27 3.64
N THR A 79 2.00 17.21 2.70
CA THR A 79 3.21 18.00 2.37
C THR A 79 3.15 19.44 2.89
N ASN A 80 2.08 19.78 3.62
N ASN A 80 2.09 19.79 3.64
CA ASN A 80 1.82 21.17 3.99
CA ASN A 80 1.79 21.19 4.01
C ASN A 80 1.77 22.04 2.75
C ASN A 80 1.71 22.08 2.78
N ASN A 81 0.87 21.68 1.84
CA ASN A 81 0.68 22.39 0.59
C ASN A 81 2.00 22.68 -0.12
N GLY A 82 2.79 21.63 -0.25
CA GLY A 82 4.02 21.67 -1.04
C GLY A 82 5.28 22.00 -0.28
N GLU A 83 5.18 22.39 0.99
CA GLU A 83 6.36 22.78 1.74
C GLU A 83 7.43 21.69 1.74
N SER A 84 7.03 20.43 1.89
CA SER A 84 8.01 19.37 2.09
C SER A 84 8.95 19.20 0.90
N TYR A 85 8.46 19.48 -0.30
CA TYR A 85 9.28 19.29 -1.50
C TYR A 85 10.55 20.13 -1.47
N ALA A 86 10.44 21.34 -0.97
CA ALA A 86 11.57 22.26 -0.93
C ALA A 86 12.58 21.89 0.14
N LEU A 87 12.17 21.04 1.08
CA LEU A 87 13.03 20.71 2.21
C LEU A 87 14.10 19.66 1.89
N TYR A 88 13.81 18.77 0.94
CA TYR A 88 14.72 17.66 0.65
C TYR A 88 14.53 17.05 -0.73
N GLN A 89 15.64 16.81 -1.41
CA GLN A 89 15.67 16.14 -2.71
C GLN A 89 16.49 14.86 -2.58
N PRO A 90 15.87 13.70 -2.85
CA PRO A 90 16.59 12.43 -2.64
C PRO A 90 17.68 12.16 -3.68
N SER A 91 18.67 11.39 -3.23
CA SER A 91 19.71 10.88 -4.10
C SER A 91 19.18 9.69 -4.91
N LYS A 92 20.04 9.16 -5.77
CA LYS A 92 19.69 7.98 -6.57
C LYS A 92 19.97 6.68 -5.85
N LYS A 93 20.47 6.75 -4.61
CA LYS A 93 20.83 5.55 -3.87
C LYS A 93 19.63 4.86 -3.22
N ILE A 94 18.57 5.62 -2.98
CA ILE A 94 17.38 5.11 -2.30
C ILE A 94 16.37 4.64 -3.34
N SER A 95 15.63 3.58 -3.02
CA SER A 95 14.52 3.18 -3.86
C SER A 95 13.41 2.54 -3.06
N VAL A 96 12.21 2.60 -3.63
CA VAL A 96 11.07 1.87 -3.09
C VAL A 96 10.75 0.72 -4.03
N GLY A 97 10.61 -0.48 -3.47
CA GLY A 97 10.16 -1.62 -4.24
C GLY A 97 8.64 -1.71 -4.15
N ILE A 98 7.97 -1.68 -5.29
CA ILE A 98 6.52 -1.67 -5.33
C ILE A 98 6.00 -3.04 -5.71
N ILE A 99 5.33 -3.70 -4.75
CA ILE A 99 4.79 -5.04 -4.96
C ILE A 99 3.31 -4.86 -5.25
N ASP A 100 2.94 -4.99 -6.53
CA ASP A 100 1.62 -4.57 -6.97
C ASP A 100 1.34 -5.14 -8.36
N SER A 101 0.51 -4.48 -9.15
CA SER A 101 0.12 -5.04 -10.43
C SER A 101 1.06 -4.72 -11.59
N GLY A 102 2.25 -4.21 -11.29
CA GLY A 102 3.18 -3.79 -12.32
C GLY A 102 3.12 -2.30 -12.53
N ILE A 103 3.67 -1.82 -13.65
CA ILE A 103 3.65 -0.40 -13.91
C ILE A 103 3.58 -0.15 -15.41
N MET A 104 3.05 1.00 -15.79
CA MET A 104 3.15 1.51 -17.14
C MET A 104 4.42 2.37 -17.20
N GLU A 105 5.51 1.77 -17.66
CA GLU A 105 6.82 2.43 -17.57
C GLU A 105 6.88 3.72 -18.37
N GLU A 106 6.07 3.80 -19.43
CA GLU A 106 6.12 4.95 -20.31
C GLU A 106 5.23 6.10 -19.85
N HIS A 107 4.59 5.98 -18.68
CA HIS A 107 3.81 7.11 -18.20
C HIS A 107 4.73 8.33 -18.07
N PRO A 108 4.35 9.47 -18.67
CA PRO A 108 5.27 10.61 -18.66
C PRO A 108 5.67 11.11 -17.26
N ASP A 109 4.82 10.94 -16.25
CA ASP A 109 5.18 11.43 -14.92
C ASP A 109 6.06 10.44 -14.17
N LEU A 110 6.16 9.21 -14.68
CA LEU A 110 6.82 8.11 -13.97
C LEU A 110 8.10 7.59 -14.60
N SER A 111 8.25 7.78 -15.91
N SER A 111 8.23 7.76 -15.91
N SER A 111 8.23 7.76 -15.91
CA SER A 111 9.32 7.10 -16.62
CA SER A 111 9.32 7.14 -16.65
CA SER A 111 9.32 7.14 -16.66
C SER A 111 10.72 7.42 -16.08
C SER A 111 10.68 7.42 -16.01
C SER A 111 10.70 7.42 -16.05
N ASN A 112 10.92 8.67 -15.64
CA ASN A 112 12.22 9.08 -15.13
C ASN A 112 12.52 8.58 -13.72
N SER A 113 11.55 7.92 -13.09
CA SER A 113 11.73 7.35 -11.75
C SER A 113 12.09 5.87 -11.77
N LEU A 114 12.02 5.22 -12.92
CA LEU A 114 12.17 3.77 -12.94
C LEU A 114 13.61 3.36 -12.64
N GLY A 115 13.74 2.45 -11.68
CA GLY A 115 15.02 1.86 -11.36
C GLY A 115 15.35 0.69 -12.27
N ASN A 116 16.44 0.01 -11.95
CA ASN A 116 16.95 -1.03 -12.82
C ASN A 116 16.56 -2.44 -12.39
N TYR A 117 15.75 -2.55 -11.33
CA TYR A 117 15.40 -3.85 -10.79
C TYR A 117 13.91 -4.11 -10.93
N PHE A 118 13.55 -5.33 -11.29
CA PHE A 118 12.15 -5.66 -11.52
C PHE A 118 12.00 -7.16 -11.60
N LYS A 119 10.80 -7.64 -11.34
CA LYS A 119 10.50 -9.05 -11.53
C LYS A 119 9.01 -9.26 -11.58
N ASN A 120 8.60 -10.14 -12.47
CA ASN A 120 7.23 -10.66 -12.51
C ASN A 120 7.15 -11.95 -11.71
N LEU A 121 6.32 -11.95 -10.67
CA LEU A 121 6.14 -13.13 -9.83
C LEU A 121 4.83 -13.86 -10.15
N VAL A 122 4.06 -13.36 -11.10
CA VAL A 122 2.80 -14.01 -11.46
C VAL A 122 3.11 -15.23 -12.32
N PRO A 123 2.70 -16.43 -11.87
CA PRO A 123 3.03 -17.63 -12.64
C PRO A 123 2.23 -17.73 -13.92
N LYS A 124 2.66 -18.61 -14.82
CA LYS A 124 1.87 -18.90 -16.01
C LYS A 124 0.46 -19.29 -15.60
N GLY A 125 -0.53 -18.71 -16.28
CA GLY A 125 -1.92 -18.98 -15.94
C GLY A 125 -2.48 -18.06 -14.87
N GLY A 126 -1.63 -17.25 -14.25
CA GLY A 126 -2.09 -16.30 -13.24
C GLY A 126 -2.73 -16.97 -12.04
N PHE A 127 -3.80 -16.36 -11.54
CA PHE A 127 -4.46 -16.83 -10.32
C PHE A 127 -5.18 -18.14 -10.58
N ASP A 128 -4.63 -19.24 -10.07
CA ASP A 128 -5.21 -20.57 -10.19
C ASP A 128 -5.68 -20.87 -11.61
N ASN A 129 -4.84 -20.51 -12.57
CA ASN A 129 -5.05 -20.80 -13.99
C ASN A 129 -6.28 -20.17 -14.63
N GLU A 130 -6.74 -19.07 -14.05
CA GLU A 130 -7.88 -18.36 -14.60
C GLU A 130 -7.45 -17.32 -15.63
N GLU A 131 -6.13 -17.17 -15.79
CA GLU A 131 -5.59 -16.13 -16.65
C GLU A 131 -4.63 -16.71 -17.68
N PRO A 132 -5.20 -17.30 -18.74
CA PRO A 132 -4.37 -17.91 -19.80
C PRO A 132 -3.43 -16.91 -20.46
N ASP A 133 -3.71 -15.61 -20.32
CA ASP A 133 -2.84 -14.58 -20.89
C ASP A 133 -1.53 -14.41 -20.13
N GLU A 134 -1.51 -14.81 -18.86
CA GLU A 134 -0.30 -14.70 -18.04
C GLU A 134 0.73 -15.75 -18.44
N THR A 135 1.91 -15.29 -18.82
CA THR A 135 2.93 -16.15 -19.41
C THR A 135 3.94 -16.71 -18.40
N GLY A 136 4.07 -16.07 -17.24
CA GLY A 136 5.11 -16.42 -16.30
C GLY A 136 6.48 -15.85 -16.66
N ASN A 137 6.54 -15.04 -17.71
CA ASN A 137 7.80 -14.42 -18.11
C ASN A 137 8.28 -13.50 -17.00
N PRO A 138 9.48 -13.76 -16.44
CA PRO A 138 9.91 -12.97 -15.28
C PRO A 138 10.18 -11.50 -15.58
N SER A 139 10.26 -11.13 -16.86
CA SER A 139 10.53 -9.75 -17.22
C SER A 139 9.29 -8.94 -17.58
N ASP A 140 8.11 -9.57 -17.50
CA ASP A 140 6.86 -8.91 -17.90
C ASP A 140 6.22 -8.22 -16.71
N ILE A 141 6.50 -6.93 -16.55
CA ILE A 141 5.99 -6.14 -15.44
CA ILE A 141 5.97 -6.17 -15.44
C ILE A 141 4.95 -5.12 -15.87
N VAL A 142 4.42 -5.28 -17.08
CA VAL A 142 3.41 -4.36 -17.60
C VAL A 142 2.14 -4.41 -16.74
N ASP A 143 1.57 -3.24 -16.46
CA ASP A 143 0.40 -3.13 -15.61
C ASP A 143 -0.87 -3.30 -16.46
N LYS A 144 -1.54 -4.43 -16.29
CA LYS A 144 -2.77 -4.71 -17.03
C LYS A 144 -4.01 -4.15 -16.33
N MET A 145 -3.86 -3.74 -15.07
CA MET A 145 -4.98 -3.34 -14.22
C MET A 145 -5.12 -1.83 -14.09
N GLY A 146 -4.01 -1.18 -13.76
CA GLY A 146 -3.99 0.25 -13.47
C GLY A 146 -3.52 0.50 -12.06
N HIS A 147 -3.81 -0.45 -11.16
CA HIS A 147 -3.58 -0.24 -9.74
C HIS A 147 -2.12 0.08 -9.42
N GLY A 148 -1.19 -0.71 -9.99
CA GLY A 148 0.22 -0.51 -9.72
C GLY A 148 0.73 0.84 -10.18
N THR A 149 0.22 1.30 -11.31
CA THR A 149 0.59 2.60 -11.84
C THR A 149 0.03 3.72 -10.97
N GLU A 150 -1.18 3.50 -10.46
CA GLU A 150 -1.85 4.46 -9.57
C GLU A 150 -1.09 4.59 -8.24
N VAL A 151 -0.65 3.45 -7.70
CA VAL A 151 0.16 3.42 -6.50
C VAL A 151 1.52 4.09 -6.75
N ALA A 152 2.16 3.75 -7.87
CA ALA A 152 3.47 4.32 -8.17
C ALA A 152 3.43 5.85 -8.22
N GLY A 153 2.39 6.41 -8.81
CA GLY A 153 2.29 7.86 -8.90
C GLY A 153 2.29 8.52 -7.54
N GLN A 154 1.65 7.89 -6.56
CA GLN A 154 1.61 8.44 -5.21
C GLN A 154 3.00 8.52 -4.59
N ILE A 155 3.88 7.60 -4.96
CA ILE A 155 5.24 7.62 -4.47
C ILE A 155 6.09 8.67 -5.18
N THR A 156 6.07 8.66 -6.51
CA THR A 156 7.17 9.23 -7.28
C THR A 156 6.78 10.13 -8.45
N ALA A 157 5.49 10.32 -8.72
CA ALA A 157 5.14 11.14 -9.89
C ALA A 157 5.87 12.47 -9.85
N ASN A 158 6.38 12.88 -11.01
CA ASN A 158 7.16 14.10 -11.09
C ASN A 158 6.85 14.83 -12.38
N GLY A 159 5.65 15.36 -12.47
CA GLY A 159 5.26 16.02 -13.71
C GLY A 159 3.95 16.75 -13.53
N ASN A 160 2.92 16.28 -14.23
CA ASN A 160 1.63 16.96 -14.18
C ASN A 160 0.94 16.79 -12.82
N ILE A 161 1.26 15.69 -12.14
CA ILE A 161 0.99 15.56 -10.71
C ILE A 161 2.31 15.25 -10.01
N LEU A 162 2.30 15.39 -8.69
CA LEU A 162 3.46 15.11 -7.86
C LEU A 162 3.14 14.01 -6.85
N GLY A 163 4.06 13.08 -6.69
CA GLY A 163 4.01 12.12 -5.60
C GLY A 163 4.58 12.72 -4.33
N VAL A 164 4.68 11.92 -3.28
CA VAL A 164 5.26 12.43 -2.04
C VAL A 164 6.75 12.67 -2.17
N ALA A 165 7.41 11.92 -3.05
CA ALA A 165 8.85 11.98 -3.23
C ALA A 165 9.14 12.02 -4.73
N PRO A 166 8.82 13.16 -5.37
CA PRO A 166 8.89 13.19 -6.83
C PRO A 166 10.23 12.74 -7.38
N GLY A 167 10.18 11.77 -8.28
CA GLY A 167 11.37 11.28 -8.95
C GLY A 167 12.18 10.25 -8.18
N ILE A 168 11.79 9.92 -6.96
CA ILE A 168 12.51 8.89 -6.22
C ILE A 168 12.46 7.57 -6.98
N THR A 169 13.55 6.81 -6.94
CA THR A 169 13.63 5.59 -7.72
C THR A 169 12.64 4.54 -7.23
N VAL A 170 11.92 3.95 -8.17
CA VAL A 170 11.04 2.83 -7.86
C VAL A 170 11.40 1.61 -8.69
N ASN A 171 11.40 0.46 -8.04
CA ASN A 171 11.62 -0.83 -8.68
C ASN A 171 10.33 -1.64 -8.57
N ILE A 172 10.04 -2.46 -9.57
CA ILE A 172 8.69 -2.97 -9.80
C ILE A 172 8.62 -4.48 -9.70
N TYR A 173 7.74 -4.96 -8.81
CA TYR A 173 7.57 -6.39 -8.57
C TYR A 173 6.10 -6.73 -8.79
N ARG A 174 5.80 -7.43 -9.87
CA ARG A 174 4.43 -7.67 -10.26
C ARG A 174 3.89 -8.96 -9.64
N VAL A 175 2.78 -8.82 -8.90
CA VAL A 175 2.13 -9.96 -8.26
C VAL A 175 0.65 -10.07 -8.61
N PHE A 176 0.17 -9.23 -9.52
CA PHE A 176 -1.19 -9.35 -10.04
C PHE A 176 -1.14 -9.37 -11.56
N GLY A 177 -2.05 -10.15 -12.14
CA GLY A 177 -2.37 -10.08 -13.55
C GLY A 177 -3.54 -9.12 -13.69
N GLU A 178 -4.75 -9.67 -13.76
CA GLU A 178 -5.94 -8.83 -13.84
C GLU A 178 -6.91 -9.02 -12.69
N ASN A 179 -6.62 -9.94 -11.78
CA ASN A 179 -7.56 -10.13 -10.67
C ASN A 179 -6.92 -10.31 -9.31
N LEU A 180 -6.80 -11.55 -8.85
CA LEU A 180 -6.31 -11.82 -7.50
C LEU A 180 -4.86 -12.31 -7.49
N SER A 181 -4.29 -12.37 -6.29
CA SER A 181 -2.92 -12.80 -6.11
C SER A 181 -2.85 -13.86 -5.02
N LYS A 182 -1.64 -14.32 -4.73
CA LYS A 182 -1.40 -15.39 -3.75
C LYS A 182 -0.27 -14.98 -2.82
N SER A 183 -0.35 -15.42 -1.57
CA SER A 183 0.70 -15.10 -0.61
C SER A 183 2.05 -15.67 -1.03
N GLU A 184 2.05 -16.83 -1.69
CA GLU A 184 3.30 -17.39 -2.17
C GLU A 184 4.03 -16.42 -3.10
N TRP A 185 3.26 -15.75 -3.96
CA TRP A 185 3.86 -14.82 -4.91
C TRP A 185 4.33 -13.55 -4.18
N VAL A 186 3.52 -13.06 -3.26
CA VAL A 186 3.86 -11.87 -2.50
C VAL A 186 5.11 -12.09 -1.66
N ALA A 187 5.19 -13.26 -1.00
CA ALA A 187 6.37 -13.58 -0.19
C ALA A 187 7.63 -13.61 -1.05
N ARG A 188 7.55 -14.22 -2.23
CA ARG A 188 8.69 -14.21 -3.14
C ARG A 188 9.06 -12.80 -3.55
N ALA A 189 8.05 -11.96 -3.77
CA ALA A 189 8.30 -10.57 -4.15
C ALA A 189 8.98 -9.78 -3.04
N ILE A 190 8.59 -10.02 -1.79
CA ILE A 190 9.23 -9.35 -0.66
C ILE A 190 10.71 -9.70 -0.60
N ARG A 191 11.01 -10.98 -0.73
CA ARG A 191 12.40 -11.43 -0.71
C ARG A 191 13.21 -10.83 -1.85
N ARG A 192 12.62 -10.82 -3.04
N ARG A 192 12.63 -10.82 -3.04
CA ARG A 192 13.29 -10.30 -4.22
CA ARG A 192 13.31 -10.29 -4.22
C ARG A 192 13.54 -8.79 -4.11
C ARG A 192 13.56 -8.79 -4.05
N ALA A 193 12.54 -8.06 -3.61
CA ALA A 193 12.69 -6.63 -3.43
C ALA A 193 13.80 -6.31 -2.42
N ALA A 194 13.90 -7.11 -1.36
CA ALA A 194 14.95 -6.93 -0.37
C ALA A 194 16.31 -7.28 -0.96
N ASP A 195 16.37 -8.37 -1.71
CA ASP A 195 17.62 -8.78 -2.36
C ASP A 195 18.12 -7.74 -3.36
N ASP A 196 17.21 -7.02 -3.99
CA ASP A 196 17.56 -5.98 -4.96
C ASP A 196 17.94 -4.66 -4.29
N GLY A 197 17.92 -4.62 -2.95
CA GLY A 197 18.39 -3.47 -2.22
C GLY A 197 17.40 -2.35 -1.98
N ASN A 198 16.11 -2.63 -2.18
CA ASN A 198 15.08 -1.64 -1.87
C ASN A 198 14.90 -1.53 -0.37
N LYS A 199 15.28 -0.41 0.22
CA LYS A 199 15.20 -0.31 1.66
C LYS A 199 13.78 -0.05 2.18
N VAL A 200 12.88 0.35 1.28
CA VAL A 200 11.46 0.46 1.60
C VAL A 200 10.68 -0.36 0.57
N ILE A 201 9.75 -1.17 1.06
CA ILE A 201 8.97 -2.08 0.23
C ILE A 201 7.49 -1.79 0.48
N ASN A 202 6.77 -1.45 -0.58
CA ASN A 202 5.36 -1.04 -0.51
C ASN A 202 4.45 -2.18 -0.93
N ILE A 203 3.52 -2.55 -0.05
CA ILE A 203 2.55 -3.61 -0.36
C ILE A 203 1.12 -3.08 -0.17
N SER A 204 0.53 -2.60 -1.25
CA SER A 204 -0.83 -2.05 -1.24
C SER A 204 -1.88 -3.14 -1.56
N ALA A 205 -1.77 -4.25 -0.84
CA ALA A 205 -2.58 -5.45 -1.08
C ALA A 205 -2.52 -6.30 0.17
N GLY A 206 -3.47 -7.21 0.35
CA GLY A 206 -3.46 -8.04 1.53
C GLY A 206 -4.57 -9.06 1.53
N GLN A 207 -4.73 -9.73 2.67
CA GLN A 207 -5.74 -10.76 2.83
C GLN A 207 -5.96 -11.01 4.31
N TYR A 208 -7.13 -11.53 4.65
CA TYR A 208 -7.41 -11.93 6.02
C TYR A 208 -7.06 -13.40 6.23
N LEU A 209 -6.32 -13.66 7.30
CA LEU A 209 -5.92 -15.02 7.67
C LEU A 209 -6.49 -15.36 9.03
N MET A 210 -7.12 -16.53 9.14
CA MET A 210 -7.55 -17.03 10.45
C MET A 210 -6.47 -18.01 10.88
N ILE A 211 -5.71 -17.64 11.91
CA ILE A 211 -4.48 -18.35 12.21
C ILE A 211 -4.59 -19.32 13.39
N SER A 212 -5.78 -19.40 13.98
CA SER A 212 -6.10 -20.43 14.97
C SER A 212 -7.52 -20.88 14.69
N GLY A 213 -8.04 -21.82 15.47
CA GLY A 213 -9.35 -22.36 15.18
C GLY A 213 -9.34 -23.22 13.94
N SER A 214 -10.50 -23.40 13.33
CA SER A 214 -10.59 -24.28 12.17
C SER A 214 -11.76 -23.95 11.26
N TYR A 215 -11.53 -24.14 9.96
CA TYR A 215 -12.60 -24.13 8.99
C TYR A 215 -13.24 -25.53 8.96
N ASP A 216 -14.28 -25.69 8.14
CA ASP A 216 -14.96 -26.97 8.05
C ASP A 216 -14.00 -28.12 7.73
N ASP A 217 -12.93 -27.82 7.00
CA ASP A 217 -11.99 -28.86 6.60
C ASP A 217 -10.97 -29.22 7.70
N GLY A 218 -11.10 -28.57 8.85
CA GLY A 218 -10.26 -28.89 9.99
C GLY A 218 -8.96 -28.10 10.07
N THR A 219 -8.67 -27.31 9.04
CA THR A 219 -7.42 -26.57 8.97
C THR A 219 -7.64 -25.08 9.21
N ASN A 220 -6.54 -24.32 9.22
CA ASN A 220 -6.64 -22.87 9.25
C ASN A 220 -5.57 -22.26 8.36
N ASP A 221 -5.35 -20.95 8.48
CA ASP A 221 -4.45 -20.25 7.55
C ASP A 221 -3.07 -19.97 8.12
N TYR A 222 -2.68 -20.68 9.18
CA TYR A 222 -1.42 -20.36 9.84
C TYR A 222 -0.20 -20.54 8.95
N GLN A 223 -0.22 -21.53 8.05
CA GLN A 223 0.93 -21.72 7.17
C GLN A 223 1.20 -20.48 6.32
N GLU A 224 0.15 -19.89 5.75
CA GLU A 224 0.34 -18.67 4.96
C GLU A 224 0.93 -17.56 5.84
N TYR A 225 0.42 -17.45 7.07
CA TYR A 225 0.91 -16.45 7.99
C TYR A 225 2.41 -16.66 8.23
N LEU A 226 2.81 -17.91 8.46
CA LEU A 226 4.21 -18.22 8.68
C LEU A 226 5.09 -17.91 7.46
N ASN A 227 4.52 -18.11 6.28
N ASN A 227 4.52 -18.11 6.28
CA ASN A 227 5.26 -17.80 5.04
CA ASN A 227 5.26 -17.79 5.07
C ASN A 227 5.50 -16.30 4.89
C ASN A 227 5.53 -16.29 4.98
N TYR A 228 4.50 -15.49 5.22
CA TYR A 228 4.71 -14.04 5.28
C TYR A 228 5.74 -13.71 6.34
N LYS A 229 5.62 -14.33 7.51
CA LYS A 229 6.53 -14.00 8.59
C LYS A 229 7.98 -14.24 8.18
N SER A 230 8.22 -15.37 7.53
CA SER A 230 9.56 -15.70 7.08
C SER A 230 10.10 -14.67 6.08
N ALA A 231 9.25 -14.26 5.15
CA ALA A 231 9.65 -13.29 4.14
C ALA A 231 9.95 -11.92 4.77
N ILE A 232 9.11 -11.52 5.71
N ILE A 232 9.08 -11.51 5.69
CA ILE A 232 9.29 -10.25 6.40
CA ILE A 232 9.29 -10.25 6.40
C ILE A 232 10.52 -10.25 7.28
C ILE A 232 10.58 -10.29 7.20
N ASN A 233 10.77 -11.37 7.96
CA ASN A 233 11.99 -11.51 8.76
C ASN A 233 13.23 -11.42 7.88
N TYR A 234 13.14 -12.00 6.68
CA TYR A 234 14.25 -11.94 5.75
C TYR A 234 14.49 -10.50 5.29
N ALA A 235 13.42 -9.81 4.94
CA ALA A 235 13.54 -8.41 4.51
C ALA A 235 14.19 -7.59 5.62
N THR A 236 13.75 -7.80 6.85
CA THR A 236 14.35 -7.12 7.99
C THR A 236 15.84 -7.44 8.12
N ALA A 237 16.20 -8.71 7.98
CA ALA A 237 17.61 -9.12 8.07
C ALA A 237 18.45 -8.41 7.01
N LYS A 238 17.84 -8.12 5.86
CA LYS A 238 18.54 -7.45 4.77
C LYS A 238 18.57 -5.93 4.94
N GLY A 239 17.82 -5.43 5.91
CA GLY A 239 17.79 -4.01 6.20
C GLY A 239 16.63 -3.25 5.56
N SER A 240 15.63 -3.96 5.07
CA SER A 240 14.46 -3.35 4.45
C SER A 240 13.31 -3.24 5.42
N ILE A 241 12.44 -2.25 5.20
CA ILE A 241 11.19 -2.14 5.92
C ILE A 241 10.04 -2.34 4.95
N VAL A 242 8.99 -2.97 5.44
CA VAL A 242 7.78 -3.22 4.67
C VAL A 242 6.66 -2.33 5.18
N VAL A 243 5.96 -1.69 4.24
CA VAL A 243 4.86 -0.78 4.51
C VAL A 243 3.64 -1.37 3.80
N ALA A 244 2.57 -1.63 4.53
CA ALA A 244 1.46 -2.40 3.99
C ALA A 244 0.11 -1.77 4.31
N ALA A 245 -0.81 -1.87 3.36
CA ALA A 245 -2.14 -1.30 3.52
C ALA A 245 -3.06 -2.12 4.42
N LEU A 246 -3.68 -1.47 5.40
CA LEU A 246 -4.83 -2.07 6.07
C LEU A 246 -5.97 -2.25 5.06
N GLY A 247 -6.84 -3.21 5.33
CA GLY A 247 -7.97 -3.45 4.44
C GLY A 247 -8.95 -2.31 4.38
N ASN A 248 -9.81 -2.36 3.35
CA ASN A 248 -10.85 -1.34 3.14
C ASN A 248 -12.24 -1.88 3.49
N ASP A 249 -12.34 -2.60 4.61
CA ASP A 249 -13.57 -3.28 4.98
C ASP A 249 -14.23 -2.73 6.24
N SER A 250 -13.78 -1.55 6.67
CA SER A 250 -14.36 -0.89 7.83
C SER A 250 -14.28 -1.74 9.10
N LEU A 251 -13.27 -2.57 9.20
CA LEU A 251 -13.10 -3.48 10.34
C LEU A 251 -12.09 -2.93 11.35
N ASN A 252 -12.46 -2.94 12.62
CA ASN A 252 -11.45 -2.74 13.65
C ASN A 252 -10.73 -4.06 13.85
N ILE A 253 -9.44 -4.09 13.52
CA ILE A 253 -8.73 -5.35 13.47
C ILE A 253 -8.54 -5.98 14.84
N GLN A 254 -8.80 -5.21 15.90
CA GLN A 254 -8.71 -5.74 17.26
C GLN A 254 -10.02 -6.36 17.73
N ASP A 255 -11.08 -6.16 16.97
CA ASP A 255 -12.39 -6.71 17.32
C ASP A 255 -12.56 -8.03 16.61
N ASN A 256 -12.10 -9.11 17.25
CA ASN A 256 -12.05 -10.38 16.56
C ASN A 256 -13.41 -10.93 16.15
N GLN A 257 -14.43 -10.74 16.99
CA GLN A 257 -15.74 -11.27 16.65
C GLN A 257 -16.28 -10.65 15.37
N THR A 258 -16.05 -9.35 15.21
N THR A 258 -16.05 -9.35 15.20
CA THR A 258 -16.49 -8.65 14.02
CA THR A 258 -16.52 -8.68 13.99
C THR A 258 -15.76 -9.16 12.78
C THR A 258 -15.74 -9.17 12.77
N MET A 259 -14.48 -9.48 12.93
N MET A 259 -14.46 -9.48 12.97
CA MET A 259 -13.70 -10.04 11.83
CA MET A 259 -13.64 -10.05 11.91
C MET A 259 -14.16 -11.46 11.49
C MET A 259 -14.20 -11.41 11.51
N ILE A 260 -14.51 -12.23 12.50
CA ILE A 260 -15.07 -13.55 12.26
C ILE A 260 -16.41 -13.45 11.52
N ASN A 261 -17.27 -12.55 11.97
CA ASN A 261 -18.55 -12.33 11.32
C ASN A 261 -18.37 -11.95 9.86
N PHE A 262 -17.36 -11.12 9.59
CA PHE A 262 -17.04 -10.74 8.22
C PHE A 262 -16.64 -11.98 7.41
N LEU A 263 -15.74 -12.78 7.98
CA LEU A 263 -15.25 -13.96 7.28
C LEU A 263 -16.34 -14.99 6.98
N LYS A 264 -17.32 -15.07 7.88
CA LYS A 264 -18.41 -16.03 7.70
C LYS A 264 -19.23 -15.76 6.45
N ARG A 265 -19.14 -14.54 5.94
CA ARG A 265 -19.82 -14.18 4.70
C ARG A 265 -19.17 -14.88 3.50
N PHE A 266 -17.91 -15.27 3.66
CA PHE A 266 -17.08 -15.68 2.52
C PHE A 266 -16.40 -17.03 2.69
N ARG A 267 -16.49 -17.60 3.89
CA ARG A 267 -15.75 -18.82 4.22
C ARG A 267 -16.60 -19.68 5.13
N SER A 268 -16.19 -20.94 5.27
CA SER A 268 -16.91 -21.90 6.11
C SER A 268 -16.13 -22.17 7.39
N ILE A 269 -16.51 -21.47 8.46
CA ILE A 269 -15.78 -21.54 9.73
C ILE A 269 -16.45 -22.49 10.72
N LYS A 270 -15.65 -23.38 11.30
CA LYS A 270 -16.16 -24.38 12.25
C LYS A 270 -15.90 -23.95 13.69
N VAL A 271 -14.65 -23.66 13.99
CA VAL A 271 -14.26 -23.13 15.30
C VAL A 271 -13.55 -21.80 15.06
N PRO A 272 -14.16 -20.69 15.49
CA PRO A 272 -13.54 -19.38 15.24
C PRO A 272 -12.18 -19.27 15.93
N GLY A 273 -11.23 -18.68 15.21
CA GLY A 273 -9.92 -18.41 15.75
C GLY A 273 -9.53 -16.95 15.53
N LYS A 274 -8.28 -16.63 15.83
CA LYS A 274 -7.76 -15.29 15.65
C LYS A 274 -7.67 -14.92 14.17
N VAL A 275 -8.24 -13.78 13.81
CA VAL A 275 -8.15 -13.26 12.45
C VAL A 275 -7.18 -12.09 12.41
N VAL A 276 -6.32 -12.10 11.40
CA VAL A 276 -5.39 -10.99 11.16
C VAL A 276 -5.51 -10.49 9.72
N ASP A 277 -5.17 -9.20 9.55
CA ASP A 277 -5.08 -8.52 8.27
C ASP A 277 -3.60 -8.58 7.90
N ALA A 278 -3.26 -9.42 6.92
CA ALA A 278 -1.88 -9.71 6.56
C ALA A 278 -1.50 -9.15 5.18
N PRO A 279 -0.25 -8.67 5.02
CA PRO A 279 0.86 -8.71 6.00
C PRO A 279 0.99 -7.51 6.94
N SER A 280 -0.03 -6.65 7.01
CA SER A 280 0.08 -5.46 7.85
C SER A 280 0.17 -5.77 9.35
N VAL A 281 -0.29 -6.96 9.76
CA VAL A 281 -0.33 -7.32 11.17
C VAL A 281 1.04 -7.43 11.82
N PHE A 282 2.06 -7.77 11.05
CA PHE A 282 3.36 -8.08 11.65
C PHE A 282 3.97 -6.88 12.36
N GLU A 283 4.57 -7.13 13.52
CA GLU A 283 5.11 -6.09 14.36
C GLU A 283 6.11 -5.18 13.62
N ASP A 284 6.93 -5.77 12.76
CA ASP A 284 7.96 -4.98 12.10
C ASP A 284 7.46 -4.24 10.87
N VAL A 285 6.25 -4.55 10.43
CA VAL A 285 5.64 -3.89 9.28
C VAL A 285 4.97 -2.59 9.73
N ILE A 286 5.04 -1.57 8.88
CA ILE A 286 4.28 -0.35 9.09
C ILE A 286 2.92 -0.50 8.44
N ALA A 287 1.88 -0.59 9.26
CA ALA A 287 0.50 -0.71 8.78
C ALA A 287 -0.06 0.68 8.52
N VAL A 288 -0.70 0.84 7.36
CA VAL A 288 -1.20 2.15 6.96
C VAL A 288 -2.70 2.09 6.68
N GLY A 289 -3.45 2.93 7.37
CA GLY A 289 -4.87 3.09 7.11
C GLY A 289 -5.15 4.42 6.44
N GLY A 290 -6.42 4.68 6.20
CA GLY A 290 -6.83 5.81 5.40
C GLY A 290 -7.60 6.87 6.15
N ILE A 291 -7.33 8.14 5.81
CA ILE A 291 -8.16 9.25 6.22
C ILE A 291 -8.76 9.96 5.01
N ASP A 292 -9.85 10.68 5.24
CA ASP A 292 -10.42 11.53 4.23
C ASP A 292 -9.89 12.96 4.37
N GLY A 293 -10.40 13.86 3.54
CA GLY A 293 -9.92 15.23 3.51
C GLY A 293 -10.19 16.01 4.78
N TYR A 294 -11.06 15.49 5.63
CA TYR A 294 -11.36 16.12 6.92
C TYR A 294 -10.42 15.64 8.03
N GLY A 295 -9.57 14.67 7.71
CA GLY A 295 -8.68 14.10 8.71
C GLY A 295 -9.32 13.00 9.55
N ASN A 296 -10.52 12.59 9.16
CA ASN A 296 -11.19 11.47 9.83
C ASN A 296 -10.85 10.17 9.14
N ILE A 297 -10.84 9.07 9.89
CA ILE A 297 -10.63 7.78 9.27
C ILE A 297 -11.66 7.58 8.16
N SER A 298 -11.19 7.17 6.99
CA SER A 298 -12.07 6.95 5.85
C SER A 298 -13.17 5.97 6.20
N ASP A 299 -14.37 6.21 5.68
CA ASP A 299 -15.48 5.30 5.95
C ASP A 299 -15.13 3.85 5.67
N PHE A 300 -14.38 3.59 4.60
CA PHE A 300 -14.04 2.23 4.23
C PHE A 300 -12.84 1.64 4.98
N SER A 301 -12.05 2.47 5.66
CA SER A 301 -10.78 1.98 6.18
C SER A 301 -10.93 1.08 7.39
N ASN A 302 -10.17 -0.01 7.41
CA ASN A 302 -9.99 -0.73 8.65
C ASN A 302 -9.28 0.18 9.65
N ILE A 303 -9.40 -0.17 10.92
CA ILE A 303 -8.84 0.62 12.00
C ILE A 303 -7.88 -0.23 12.80
N GLY A 304 -6.66 0.28 13.00
CA GLY A 304 -5.67 -0.39 13.82
C GLY A 304 -5.04 0.60 14.78
N ALA A 305 -4.95 0.22 16.06
CA ALA A 305 -4.41 1.13 17.07
C ALA A 305 -2.94 1.47 16.82
N ASP A 306 -2.23 0.55 16.19
N ASP A 306 -2.21 0.56 16.19
CA ASP A 306 -0.79 0.71 15.97
CA ASP A 306 -0.78 0.76 15.98
C ASP A 306 -0.47 1.13 14.53
C ASP A 306 -0.44 1.36 14.62
N ALA A 307 -1.47 1.63 13.82
CA ALA A 307 -1.27 2.07 12.44
C ALA A 307 -0.94 3.55 12.35
N ILE A 308 -0.46 3.94 11.18
CA ILE A 308 -0.39 5.34 10.78
C ILE A 308 -1.41 5.52 9.67
N TYR A 309 -1.96 6.73 9.55
CA TYR A 309 -3.00 7.00 8.57
C TYR A 309 -2.55 8.09 7.60
N ALA A 310 -2.99 7.96 6.35
CA ALA A 310 -2.70 8.99 5.35
C ALA A 310 -3.87 9.08 4.39
N PRO A 311 -3.94 10.16 3.59
CA PRO A 311 -5.15 10.34 2.77
C PRO A 311 -5.42 9.21 1.77
N ALA A 312 -6.63 8.66 1.88
CA ALA A 312 -7.14 7.57 1.05
C ALA A 312 -8.47 7.92 0.39
N GLY A 313 -9.11 8.99 0.86
CA GLY A 313 -10.40 9.41 0.34
C GLY A 313 -11.59 8.86 1.13
N THR A 314 -12.75 8.91 0.50
CA THR A 314 -13.99 8.48 1.14
C THR A 314 -14.99 7.99 0.12
N THR A 315 -15.78 7.00 0.51
CA THR A 315 -16.94 6.58 -0.29
C THR A 315 -18.26 6.96 0.36
N ALA A 316 -18.22 7.78 1.40
CA ALA A 316 -19.44 8.11 2.13
C ALA A 316 -20.47 8.82 1.27
N ASN A 317 -20.02 9.78 0.46
CA ASN A 317 -20.95 10.50 -0.40
C ASN A 317 -21.35 9.70 -1.61
N PHE A 318 -20.42 8.93 -2.17
CA PHE A 318 -20.79 8.00 -3.23
C PHE A 318 -21.95 7.13 -2.78
N LYS A 319 -21.85 6.58 -1.57
CA LYS A 319 -22.88 5.68 -1.06
C LYS A 319 -24.21 6.37 -0.78
N LYS A 320 -24.17 7.60 -0.28
CA LYS A 320 -25.39 8.33 0.00
C LYS A 320 -26.12 8.76 -1.27
N TYR A 321 -25.37 9.25 -2.25
CA TYR A 321 -25.97 9.97 -3.36
C TYR A 321 -26.05 9.19 -4.66
N GLY A 322 -25.25 8.13 -4.78
CA GLY A 322 -25.20 7.36 -6.00
C GLY A 322 -24.26 7.98 -7.01
N GLN A 323 -23.88 7.16 -7.99
CA GLN A 323 -22.88 7.53 -8.96
C GLN A 323 -23.20 8.79 -9.77
N ASP A 324 -24.43 8.92 -10.24
CA ASP A 324 -24.76 10.07 -11.09
C ASP A 324 -24.54 11.40 -10.37
N LYS A 325 -25.08 11.51 -9.16
CA LYS A 325 -24.95 12.73 -8.38
C LYS A 325 -23.52 12.93 -7.85
N PHE A 326 -22.87 11.83 -7.48
CA PHE A 326 -21.48 11.88 -7.04
C PHE A 326 -20.63 12.57 -8.10
N VAL A 327 -20.86 12.19 -9.36
CA VAL A 327 -20.10 12.75 -10.46
C VAL A 327 -20.63 14.13 -10.86
N SER A 328 -21.94 14.25 -11.09
CA SER A 328 -22.49 15.51 -11.60
C SER A 328 -22.34 16.68 -10.62
N GLN A 329 -22.32 16.39 -9.33
CA GLN A 329 -22.16 17.44 -8.34
C GLN A 329 -20.71 17.60 -7.88
N GLY A 330 -19.80 16.81 -8.48
CA GLY A 330 -18.38 16.99 -8.28
C GLY A 330 -17.83 16.52 -6.94
N TYR A 331 -18.53 15.63 -6.26
CA TYR A 331 -18.05 15.11 -4.98
C TYR A 331 -16.68 14.47 -5.12
N TYR A 332 -16.43 13.83 -6.26
CA TYR A 332 -15.16 13.12 -6.45
C TYR A 332 -13.95 14.04 -6.34
N LEU A 333 -14.12 15.34 -6.62
CA LEU A 333 -12.99 16.26 -6.61
C LEU A 333 -12.32 16.34 -5.24
N LYS A 334 -13.13 16.22 -4.19
CA LYS A 334 -12.61 16.26 -2.83
C LYS A 334 -12.60 14.90 -2.15
N ASP A 335 -13.41 13.96 -2.64
CA ASP A 335 -13.59 12.67 -1.97
C ASP A 335 -12.60 11.61 -2.45
N TRP A 336 -12.25 11.67 -3.73
CA TRP A 336 -11.35 10.69 -4.32
C TRP A 336 -10.05 11.42 -4.68
N LEU A 337 -9.02 10.65 -4.98
CA LEU A 337 -7.74 11.28 -5.23
C LEU A 337 -7.25 11.01 -6.65
N PHE A 338 -6.56 12.00 -7.17
CA PHE A 338 -6.16 12.05 -8.57
C PHE A 338 -4.76 11.48 -8.72
N THR A 339 -4.60 10.46 -9.54
CA THR A 339 -3.31 9.82 -9.68
C THR A 339 -3.06 9.32 -11.10
N THR A 340 -1.82 8.92 -11.36
CA THR A 340 -1.42 8.36 -12.64
C THR A 340 -2.06 7.00 -12.89
N THR A 341 -2.44 6.70 -14.12
CA THR A 341 -2.93 5.36 -14.41
C THR A 341 -2.40 4.81 -15.75
N ASN A 342 -2.73 3.55 -16.04
CA ASN A 342 -2.09 2.82 -17.14
C ASN A 342 -2.64 3.15 -18.53
N THR A 343 -3.42 4.22 -18.62
CA THR A 343 -3.81 4.79 -19.90
C THR A 343 -2.75 5.77 -20.41
N GLY A 344 -1.79 6.12 -19.55
CA GLY A 344 -0.85 7.19 -19.83
C GLY A 344 -1.32 8.53 -19.28
N TRP A 345 -2.51 8.52 -18.67
CA TRP A 345 -3.10 9.75 -18.15
C TRP A 345 -3.44 9.57 -16.66
N TYR A 346 -4.65 9.95 -16.24
CA TYR A 346 -4.99 10.06 -14.82
C TYR A 346 -6.35 9.50 -14.52
N GLN A 347 -6.59 9.23 -13.24
CA GLN A 347 -7.88 8.72 -12.79
C GLN A 347 -8.07 9.08 -11.33
N TYR A 348 -9.33 9.28 -10.94
CA TYR A 348 -9.70 9.37 -9.53
C TYR A 348 -9.87 8.00 -8.93
N VAL A 349 -9.25 7.80 -7.77
CA VAL A 349 -9.23 6.51 -7.08
C VAL A 349 -9.48 6.72 -5.59
N TYR A 350 -9.68 5.63 -4.86
CA TYR A 350 -9.76 5.69 -3.41
C TYR A 350 -9.28 4.37 -2.85
N GLY A 351 -8.87 4.39 -1.58
CA GLY A 351 -8.54 3.16 -0.88
C GLY A 351 -7.20 3.26 -0.17
N ASN A 352 -7.01 2.39 0.83
CA ASN A 352 -5.79 2.43 1.61
C ASN A 352 -4.54 2.12 0.79
N SER A 353 -4.73 1.50 -0.38
CA SER A 353 -3.61 1.32 -1.31
C SER A 353 -2.96 2.62 -1.74
N PHE A 354 -3.64 3.75 -1.55
CA PHE A 354 -3.12 5.05 -1.97
C PHE A 354 -2.63 5.89 -0.81
N ALA A 355 -2.95 5.47 0.41
CA ALA A 355 -2.35 6.03 1.63
C ALA A 355 -0.96 5.43 1.85
N THR A 356 -0.89 4.10 1.67
CA THR A 356 0.33 3.33 1.87
C THR A 356 1.56 3.90 1.14
N PRO A 357 1.45 4.19 -0.16
CA PRO A 357 2.61 4.73 -0.89
C PRO A 357 3.04 6.10 -0.43
N LYS A 358 2.12 6.89 0.12
CA LYS A 358 2.50 8.18 0.68
C LYS A 358 3.47 7.96 1.84
N VAL A 359 3.15 6.98 2.69
CA VAL A 359 4.04 6.63 3.78
C VAL A 359 5.35 6.02 3.26
N SER A 360 5.27 5.12 2.29
CA SER A 360 6.49 4.51 1.75
C SER A 360 7.46 5.54 1.19
N GLY A 361 6.95 6.46 0.38
CA GLY A 361 7.80 7.47 -0.20
C GLY A 361 8.40 8.38 0.86
N ALA A 362 7.60 8.76 1.85
CA ALA A 362 8.08 9.61 2.94
C ALA A 362 9.20 8.92 3.72
N LEU A 363 9.00 7.63 4.01
CA LEU A 363 10.03 6.86 4.71
C LEU A 363 11.30 6.79 3.90
N ALA A 364 11.17 6.62 2.59
CA ALA A 364 12.35 6.55 1.73
C ALA A 364 13.12 7.88 1.78
N LEU A 365 12.42 9.01 1.80
CA LEU A 365 13.08 10.32 1.94
C LEU A 365 13.92 10.36 3.22
N VAL A 366 13.35 9.86 4.32
CA VAL A 366 14.01 9.82 5.63
C VAL A 366 15.24 8.92 5.62
N VAL A 367 15.09 7.75 5.02
CA VAL A 367 16.20 6.81 4.93
C VAL A 367 17.37 7.49 4.23
N ASP A 368 17.07 8.16 3.13
CA ASP A 368 18.09 8.83 2.33
C ASP A 368 18.69 10.05 3.05
N LYS A 369 17.83 10.89 3.63
CA LYS A 369 18.30 12.11 4.28
C LYS A 369 19.17 11.84 5.50
N TYR A 370 18.75 10.90 6.33
CA TYR A 370 19.40 10.66 7.61
C TYR A 370 20.36 9.46 7.58
N GLY A 371 20.43 8.77 6.44
CA GLY A 371 21.25 7.58 6.33
C GLY A 371 20.85 6.51 7.33
N ILE A 372 19.55 6.35 7.53
CA ILE A 372 19.02 5.39 8.50
C ILE A 372 19.11 3.97 7.97
N LYS A 373 19.95 3.15 8.60
CA LYS A 373 20.24 1.82 8.11
C LYS A 373 19.47 0.73 8.86
N ASN A 374 18.98 1.06 10.05
CA ASN A 374 18.21 0.10 10.85
C ASN A 374 16.71 0.30 10.70
N PRO A 375 16.02 -0.67 10.09
CA PRO A 375 14.58 -0.54 9.91
C PRO A 375 13.81 -0.42 11.24
N ASN A 376 14.31 -1.05 12.30
CA ASN A 376 13.70 -0.93 13.61
C ASN A 376 13.70 0.53 14.07
N GLN A 377 14.85 1.17 13.90
CA GLN A 377 15.01 2.59 14.21
C GLN A 377 14.07 3.42 13.35
N LEU A 378 13.92 3.02 12.08
CA LEU A 378 13.11 3.77 11.13
C LEU A 378 11.63 3.84 11.53
N LYS A 379 11.04 2.70 11.92
CA LYS A 379 9.64 2.70 12.33
C LYS A 379 9.42 3.55 13.59
N ARG A 380 10.32 3.42 14.56
CA ARG A 380 10.25 4.24 15.77
C ARG A 380 10.29 5.72 15.41
N PHE A 381 11.17 6.08 14.49
CA PHE A 381 11.32 7.47 14.09
C PHE A 381 10.03 8.00 13.46
N LEU A 382 9.43 7.19 12.58
CA LEU A 382 8.19 7.58 11.92
C LEU A 382 7.09 7.87 12.94
N LEU A 383 6.88 6.93 13.85
CA LEU A 383 5.78 7.04 14.78
C LEU A 383 5.95 8.22 15.75
N MET A 384 7.20 8.50 16.13
N MET A 384 7.18 8.51 16.14
CA MET A 384 7.47 9.60 17.06
CA MET A 384 7.44 9.62 17.05
C MET A 384 7.58 10.97 16.38
C MET A 384 7.25 10.97 16.39
N ASN A 385 7.35 11.00 15.06
CA ASN A 385 7.28 12.26 14.32
C ASN A 385 6.07 12.31 13.39
N SER A 386 5.00 11.68 13.84
CA SER A 386 3.72 11.74 13.17
C SER A 386 2.69 12.31 14.14
N PRO A 387 2.10 13.45 13.80
CA PRO A 387 1.19 14.11 14.72
C PRO A 387 -0.14 13.38 14.81
N GLU A 388 -0.90 13.68 15.86
CA GLU A 388 -2.19 13.06 16.06
C GLU A 388 -3.32 13.97 15.61
N VAL A 389 -4.26 13.40 14.87
CA VAL A 389 -5.52 14.05 14.55
C VAL A 389 -6.65 13.14 15.02
N ASN A 390 -7.39 13.58 16.03
CA ASN A 390 -8.50 12.78 16.55
C ASN A 390 -8.05 11.47 17.15
N GLY A 391 -6.88 11.46 17.77
CA GLY A 391 -6.36 10.24 18.39
C GLY A 391 -5.62 9.32 17.44
N ASN A 392 -5.55 9.68 16.16
CA ASN A 392 -4.89 8.84 15.17
C ASN A 392 -3.65 9.50 14.62
N ARG A 393 -2.55 8.75 14.60
CA ARG A 393 -1.32 9.23 14.01
C ARG A 393 -1.50 9.38 12.52
N VAL A 394 -1.15 10.55 12.00
CA VAL A 394 -1.24 10.78 10.57
CA VAL A 394 -1.26 10.83 10.58
C VAL A 394 0.12 11.21 10.02
N LEU A 395 0.35 10.87 8.76
CA LEU A 395 1.58 11.24 8.07
C LEU A 395 1.67 12.75 7.89
N ASN A 396 2.81 13.30 8.27
CA ASN A 396 3.12 14.70 8.01
C ASN A 396 4.58 14.75 7.61
N ILE A 397 4.83 14.98 6.33
CA ILE A 397 6.18 14.82 5.79
C ILE A 397 7.12 15.91 6.29
N VAL A 398 6.61 17.12 6.48
CA VAL A 398 7.43 18.18 7.04
C VAL A 398 7.93 17.77 8.44
N ASP A 399 7.03 17.27 9.28
CA ASP A 399 7.42 16.84 10.62
C ASP A 399 8.45 15.70 10.55
N LEU A 400 8.23 14.79 9.61
CA LEU A 400 9.11 13.64 9.48
C LEU A 400 10.51 14.07 9.05
N LEU A 401 10.59 14.93 8.03
CA LEU A 401 11.88 15.43 7.55
C LEU A 401 12.60 16.24 8.63
N ASN A 402 11.86 17.06 9.36
CA ASN A 402 12.47 17.86 10.42
C ASN A 402 12.97 17.01 11.60
N GLY A 403 12.29 15.90 11.86
CA GLY A 403 12.76 14.93 12.84
C GLY A 403 13.07 15.49 14.22
N LYS A 404 12.16 16.28 14.76
CA LYS A 404 12.34 16.87 16.08
C LYS A 404 12.63 15.83 17.17
N ASN A 405 11.92 14.71 17.11
CA ASN A 405 12.15 13.63 18.05
C ASN A 405 13.09 12.58 17.47
N LYS A 406 14.29 12.50 18.04
CA LYS A 406 15.32 11.61 17.53
C LYS A 406 15.15 10.17 18.00
N ALA A 407 15.47 9.22 17.12
CA ALA A 407 15.39 7.80 17.43
C ALA A 407 16.74 7.11 17.23
N ALA A 476 -19.28 -20.02 -2.85
CA ALA A 476 -18.63 -19.60 -4.07
C ALA A 476 -17.30 -18.91 -3.76
N ASN A 477 -16.27 -19.24 -4.53
CA ASN A 477 -14.98 -18.56 -4.41
C ASN A 477 -15.15 -17.06 -4.65
N ASN A 478 -14.37 -16.27 -3.91
CA ASN A 478 -14.52 -14.82 -3.93
C ASN A 478 -13.23 -14.10 -3.54
N ARG A 479 -13.27 -12.78 -3.53
CA ARG A 479 -12.09 -11.96 -3.25
C ARG A 479 -11.54 -12.20 -1.84
N ASN A 480 -12.40 -12.67 -0.95
CA ASN A 480 -12.03 -12.96 0.42
C ASN A 480 -11.92 -14.45 0.72
N SER A 481 -11.89 -15.30 -0.31
CA SER A 481 -11.67 -16.73 -0.08
C SER A 481 -10.29 -16.96 0.51
N ARG A 482 -10.13 -18.06 1.23
CA ARG A 482 -8.81 -18.39 1.78
C ARG A 482 -7.78 -18.38 0.67
N GLY A 483 -6.66 -17.72 0.94
CA GLY A 483 -5.55 -17.70 0.01
C GLY A 483 -5.59 -16.60 -1.03
N ALA A 484 -6.70 -15.87 -1.14
CA ALA A 484 -6.82 -14.83 -2.16
C ALA A 484 -6.29 -13.48 -1.64
N VAL A 485 -5.24 -12.98 -2.28
CA VAL A 485 -4.72 -11.65 -1.99
C VAL A 485 -5.39 -10.67 -2.95
N SER A 486 -5.86 -9.55 -2.42
CA SER A 486 -6.52 -8.57 -3.27
C SER A 486 -5.90 -7.20 -3.08
N VAL A 487 -6.00 -6.36 -4.11
CA VAL A 487 -5.54 -5.00 -3.96
C VAL A 487 -6.38 -4.28 -2.91
N ARG A 488 -5.75 -3.36 -2.18
CA ARG A 488 -6.48 -2.42 -1.35
C ARG A 488 -6.66 -1.12 -2.13
#